data_5FDR
#
_entry.id   5FDR
#
_cell.length_a   35.040
_cell.length_b   115.005
_cell.length_c   95.327
_cell.angle_alpha   90.00
_cell.angle_beta   91.17
_cell.angle_gamma   90.00
#
_symmetry.space_group_name_H-M   'P 1 21 1'
#
loop_
_entity.id
_entity.type
_entity.pdbx_description
1 polymer 'Induced myeloid leukemia cell differentiation protein Mcl-1'
2 non-polymer '5-[[6-chloranyl-3-[3-(4-chloranyl-3,5-dimethyl-phenoxy)propyl]-7-(3,5-dimethyl-1~{H}-pyrazol-4-yl)-1~{H}-indol-2-yl]carbonylsulfamoyl]furan-2-carboxylic acid'
#
_entity_poly.entity_id   1
_entity_poly.type   'polypeptide(L)'
_entity_poly.pdbx_seq_one_letter_code
;GDDELYRQSLEIISRYLREQATGAKDTKPMGRSGATSRKALETLRRVGDGVQRNHETAFQGMLRKLDIKNEDDVKSLSRV
MIHVFSDGVTNWGRIVTLISFGAFVAKHLKTINQESCIEPLAESITDVLVRTKRDWLVKQRGWDGFVEFFHVEDLEGG
;
_entity_poly.pdbx_strand_id   A,B,C,D
#
# COMPACT_ATOMS: atom_id res chain seq x y z
N ASP A 2 24.90 -6.30 -17.91
CA ASP A 2 24.70 -5.81 -16.54
C ASP A 2 25.95 -5.75 -15.69
N ASP A 3 27.12 -6.10 -16.24
CA ASP A 3 28.32 -5.65 -15.54
C ASP A 3 28.44 -4.13 -15.58
N GLU A 4 27.54 -3.47 -16.30
CA GLU A 4 27.33 -2.04 -16.28
C GLU A 4 25.91 -1.59 -15.94
N LEU A 5 24.90 -2.40 -16.20
CA LEU A 5 23.56 -2.01 -15.80
C LEU A 5 23.34 -2.17 -14.30
N TYR A 6 23.94 -3.22 -13.70
CA TYR A 6 23.97 -3.31 -12.25
C TYR A 6 24.76 -2.18 -11.63
N ARG A 7 25.90 -1.83 -12.22
CA ARG A 7 26.73 -0.82 -11.58
C ARG A 7 26.09 0.56 -11.70
N GLN A 8 25.51 0.87 -12.85
CA GLN A 8 24.85 2.16 -13.00
C GLN A 8 23.57 2.21 -12.17
N SER A 9 22.81 1.11 -12.14
CA SER A 9 21.63 1.10 -11.30
C SER A 9 22.01 1.32 -9.85
N LEU A 10 23.05 0.61 -9.40
CA LEU A 10 23.53 0.73 -8.03
C LEU A 10 24.00 2.14 -7.75
N GLU A 11 24.59 2.78 -8.74
CA GLU A 11 25.05 4.15 -8.56
C GLU A 11 23.87 5.08 -8.29
N ILE A 12 22.83 4.99 -9.12
CA ILE A 12 21.67 5.85 -8.91
C ILE A 12 21.01 5.55 -7.57
N ILE A 13 20.75 4.27 -7.29
CA ILE A 13 20.00 3.89 -6.11
C ILE A 13 20.78 4.23 -4.83
N SER A 14 22.10 4.02 -4.87
CA SER A 14 22.94 4.35 -3.73
C SER A 14 22.92 5.84 -3.45
N ARG A 15 23.16 6.62 -4.49
CA ARG A 15 23.30 8.05 -4.25
C ARG A 15 21.96 8.63 -3.83
N TYR A 16 20.88 8.06 -4.35
CA TYR A 16 19.55 8.52 -3.96
C TYR A 16 19.28 8.20 -2.51
N LEU A 17 19.49 6.95 -2.11
CA LEU A 17 19.20 6.58 -0.74
C LEU A 17 20.10 7.35 0.22
N ARG A 18 21.35 7.60 -0.18
CA ARG A 18 22.25 8.28 0.73
C ARG A 18 21.87 9.74 0.90
N GLU A 19 21.39 10.38 -0.17
CA GLU A 19 21.03 11.78 -0.01
C GLU A 19 19.69 11.92 0.71
N GLN A 20 18.77 10.98 0.49
CA GLN A 20 17.53 10.99 1.25
C GLN A 20 17.79 10.76 2.74
N ALA A 21 18.77 9.90 3.05
CA ALA A 21 19.08 9.57 4.43
C ALA A 21 19.84 10.68 5.14
N THR A 22 20.75 11.37 4.44
CA THR A 22 21.60 12.36 5.07
C THR A 22 21.23 13.80 4.76
N GLY A 23 20.27 14.03 3.86
CA GLY A 23 19.95 15.37 3.40
C GLY A 23 21.11 16.13 2.79
N ALA A 24 22.16 15.44 2.37
CA ALA A 24 23.32 16.06 1.73
C ALA A 24 23.34 15.68 0.26
N LYS A 25 23.63 16.64 -0.60
CA LYS A 25 23.44 16.43 -2.02
C LYS A 25 24.59 15.63 -2.63
N ASP A 26 24.23 14.74 -3.55
CA ASP A 26 25.18 13.90 -4.27
C ASP A 26 26.13 14.71 -5.15
N THR A 27 27.06 15.45 -4.56
CA THR A 27 28.21 15.92 -5.32
C THR A 27 29.18 14.76 -5.50
N LYS A 28 30.28 15.01 -6.21
CA LYS A 28 31.26 14.04 -6.70
C LYS A 28 30.74 13.42 -7.99
N PRO A 29 31.62 13.16 -8.96
CA PRO A 29 31.14 12.77 -10.29
C PRO A 29 30.51 11.39 -10.30
N MET A 30 29.55 11.21 -11.20
CA MET A 30 29.21 9.86 -11.63
C MET A 30 30.30 9.41 -12.60
N GLY A 31 30.56 8.11 -12.61
CA GLY A 31 31.55 7.59 -13.53
C GLY A 31 30.95 6.72 -14.61
N ARG A 32 30.56 7.32 -15.74
CA ARG A 32 29.92 6.62 -16.84
C ARG A 32 28.53 6.06 -16.42
N SER A 33 27.49 6.31 -17.22
CA SER A 33 27.60 7.15 -18.40
C SER A 33 27.60 8.60 -17.95
N GLY A 34 27.38 8.79 -16.65
CA GLY A 34 27.59 10.08 -16.01
C GLY A 34 26.36 10.94 -16.03
N ALA A 35 26.17 11.65 -17.15
CA ALA A 35 25.01 12.50 -17.32
C ALA A 35 23.72 11.70 -17.23
N THR A 36 23.69 10.52 -17.86
CA THR A 36 22.54 9.64 -17.73
C THR A 36 22.19 9.43 -16.26
N SER A 37 23.21 9.14 -15.45
CA SER A 37 23.00 8.84 -14.04
C SER A 37 22.56 10.05 -13.24
N ARG A 38 23.20 11.21 -13.45
CA ARG A 38 22.77 12.41 -12.74
C ARG A 38 21.32 12.74 -13.06
N LYS A 39 20.98 12.79 -14.35
CA LYS A 39 19.63 13.12 -14.75
C LYS A 39 18.61 12.11 -14.22
N ALA A 40 19.00 10.83 -14.16
CA ALA A 40 18.15 9.84 -13.51
C ALA A 40 17.96 10.15 -12.04
N LEU A 41 19.01 10.66 -11.38
CA LEU A 41 18.90 10.95 -9.96
C LEU A 41 17.97 12.13 -9.71
N GLU A 42 18.07 13.17 -10.53
CA GLU A 42 17.14 14.31 -10.44
C GLU A 42 15.69 13.84 -10.65
N THR A 43 15.48 13.02 -11.67
CA THR A 43 14.15 12.44 -11.86
C THR A 43 13.70 11.72 -10.58
N LEU A 44 14.50 10.75 -10.13
CA LEU A 44 14.23 10.01 -8.90
C LEU A 44 13.89 10.92 -7.72
N ARG A 45 14.47 12.13 -7.65
CA ARG A 45 14.09 13.04 -6.58
C ARG A 45 12.66 13.52 -6.78
N ARG A 46 12.33 14.03 -7.97
CA ARG A 46 10.98 14.58 -8.08
C ARG A 46 9.91 13.50 -7.99
N VAL A 47 10.14 12.38 -8.69
CA VAL A 47 9.19 11.27 -8.70
C VAL A 47 9.15 10.55 -7.36
N GLY A 48 10.32 10.31 -6.75
CA GLY A 48 10.34 9.58 -5.49
C GLY A 48 9.77 10.37 -4.34
N ASP A 49 9.99 11.69 -4.36
CA ASP A 49 9.27 12.54 -3.42
C ASP A 49 7.79 12.41 -3.64
N GLY A 50 7.35 12.35 -4.90
CA GLY A 50 5.92 12.17 -5.14
C GLY A 50 5.38 10.89 -4.53
N VAL A 51 6.05 9.77 -4.78
CA VAL A 51 5.54 8.51 -4.24
C VAL A 51 5.48 8.56 -2.71
N GLN A 52 6.50 9.13 -2.04
CA GLN A 52 6.44 9.12 -0.58
C GLN A 52 5.33 10.04 -0.06
N ARG A 53 5.09 11.19 -0.70
CA ARG A 53 3.99 12.02 -0.19
C ARG A 53 2.63 11.36 -0.40
N ASN A 54 2.39 10.75 -1.56
CA ASN A 54 1.06 10.19 -1.76
C ASN A 54 0.86 8.88 -1.00
N HIS A 55 1.91 8.27 -0.43
CA HIS A 55 1.74 6.97 0.20
C HIS A 55 2.26 6.95 1.63
N GLU A 56 2.22 8.07 2.32
CA GLU A 56 2.87 8.15 3.62
C GLU A 56 2.28 7.13 4.60
N THR A 57 0.97 6.97 4.61
CA THR A 57 0.38 6.03 5.55
C THR A 57 0.81 4.60 5.24
N ALA A 58 0.75 4.20 3.95
CA ALA A 58 1.21 2.87 3.58
C ALA A 58 2.69 2.70 3.92
N PHE A 59 3.51 3.67 3.53
CA PHE A 59 4.94 3.56 3.82
C PHE A 59 5.22 3.43 5.31
N GLN A 60 4.62 4.30 6.11
CA GLN A 60 4.79 4.22 7.56
C GLN A 60 4.38 2.86 8.10
N GLY A 61 3.23 2.35 7.67
CA GLY A 61 2.75 1.08 8.17
C GLY A 61 3.64 -0.09 7.79
N MET A 62 4.18 -0.06 6.58
CA MET A 62 5.02 -1.18 6.18
C MET A 62 6.38 -1.10 6.87
N LEU A 63 6.89 0.11 7.04
CA LEU A 63 8.15 0.26 7.76
C LEU A 63 8.02 -0.23 9.20
N ARG A 64 6.87 0.03 9.83
CA ARG A 64 6.70 -0.41 11.20
C ARG A 64 6.52 -1.92 11.28
N LYS A 65 5.73 -2.50 10.38
CA LYS A 65 5.55 -3.95 10.40
C LYS A 65 6.86 -4.67 10.18
N LEU A 66 7.76 -4.09 9.37
CA LEU A 66 9.02 -4.76 9.08
C LEU A 66 9.94 -4.76 10.30
N ASP A 67 9.87 -3.76 11.16
CA ASP A 67 10.64 -3.71 12.40
C ASP A 67 12.14 -3.92 12.15
N ILE A 68 12.77 -2.91 11.57
CA ILE A 68 14.15 -2.97 11.13
C ILE A 68 15.06 -2.32 12.16
N LYS A 69 15.92 -3.12 12.81
CA LYS A 69 16.82 -2.64 13.87
C LYS A 69 18.31 -2.75 13.54
N ASN A 70 18.71 -3.65 12.65
CA ASN A 70 20.13 -3.94 12.45
C ASN A 70 20.29 -4.55 11.07
N GLU A 71 21.55 -4.83 10.68
CA GLU A 71 21.72 -5.27 9.30
C GLU A 71 21.25 -6.70 9.13
N ASP A 72 21.18 -7.47 10.20
CA ASP A 72 20.66 -8.82 10.09
C ASP A 72 19.21 -8.79 9.60
N ASP A 73 18.44 -7.76 10.01
CA ASP A 73 17.12 -7.58 9.41
C ASP A 73 17.25 -7.27 7.93
N VAL A 74 18.27 -6.48 7.57
CA VAL A 74 18.45 -6.03 6.20
C VAL A 74 18.69 -7.22 5.27
N LYS A 75 19.43 -8.22 5.73
CA LYS A 75 19.70 -9.34 4.85
C LYS A 75 18.44 -10.17 4.61
N SER A 76 17.49 -10.14 5.55
CA SER A 76 16.27 -10.87 5.33
C SER A 76 15.19 -10.03 4.65
N LEU A 77 15.43 -8.74 4.41
CA LEU A 77 14.43 -7.96 3.71
C LEU A 77 14.38 -8.30 2.23
N SER A 78 15.53 -8.65 1.65
CA SER A 78 15.58 -8.85 0.20
C SER A 78 14.61 -9.94 -0.22
N ARG A 79 14.31 -10.87 0.67
CA ARG A 79 13.45 -11.97 0.27
C ARG A 79 11.98 -11.57 0.38
N VAL A 80 11.63 -10.68 1.31
CA VAL A 80 10.30 -10.09 1.28
C VAL A 80 10.13 -9.21 0.06
N MET A 81 11.17 -8.44 -0.25
CA MET A 81 11.13 -7.50 -1.37
C MET A 81 11.13 -8.22 -2.72
N ILE A 82 11.92 -9.30 -2.85
CA ILE A 82 11.82 -10.17 -4.02
C ILE A 82 10.41 -10.72 -4.11
N HIS A 83 9.86 -11.20 -2.99
CA HIS A 83 8.55 -11.84 -3.05
C HIS A 83 7.47 -10.85 -3.51
N VAL A 84 7.52 -9.59 -3.04
CA VAL A 84 6.47 -8.63 -3.34
C VAL A 84 6.61 -8.08 -4.75
N PHE A 85 7.82 -7.77 -5.16
CA PHE A 85 8.03 -7.01 -6.38
C PHE A 85 8.07 -7.89 -7.64
N SER A 86 8.29 -9.19 -7.48
CA SER A 86 8.50 -10.08 -8.62
C SER A 86 7.22 -10.64 -9.23
N ASP A 87 6.06 -10.36 -8.65
CA ASP A 87 4.79 -10.89 -9.12
C ASP A 87 3.95 -9.74 -9.64
N GLY A 88 3.31 -9.94 -10.79
CA GLY A 88 2.52 -8.88 -11.40
C GLY A 88 3.25 -8.18 -12.53
N VAL A 89 2.58 -7.14 -13.06
CA VAL A 89 3.10 -6.44 -14.23
C VAL A 89 4.33 -5.67 -13.78
N THR A 90 5.28 -5.47 -14.70
CA THR A 90 6.36 -4.53 -14.46
C THR A 90 6.07 -3.23 -15.18
N ASN A 91 6.21 -2.11 -14.48
CA ASN A 91 6.16 -0.79 -15.11
C ASN A 91 7.07 0.14 -14.32
N TRP A 92 7.41 1.28 -14.93
CA TRP A 92 8.31 2.22 -14.26
C TRP A 92 7.76 2.67 -12.91
N GLY A 93 6.44 2.77 -12.79
CA GLY A 93 5.87 3.19 -11.52
C GLY A 93 6.21 2.24 -10.39
N ARG A 94 6.22 0.93 -10.69
CA ARG A 94 6.53 -0.05 -9.65
C ARG A 94 8.00 -0.01 -9.28
N ILE A 95 8.87 0.29 -10.25
CA ILE A 95 10.30 0.34 -9.98
C ILE A 95 10.64 1.53 -9.09
N VAL A 96 9.99 2.67 -9.34
CA VAL A 96 10.18 3.85 -8.53
C VAL A 96 9.59 3.66 -7.14
N THR A 97 8.52 2.88 -7.03
CA THR A 97 8.01 2.58 -5.69
C THR A 97 9.01 1.73 -4.94
N LEU A 98 9.52 0.68 -5.60
CA LEU A 98 10.59 -0.15 -5.02
C LEU A 98 11.70 0.72 -4.45
N ILE A 99 12.21 1.67 -5.26
CA ILE A 99 13.34 2.47 -4.82
C ILE A 99 12.93 3.48 -3.75
N SER A 100 11.73 4.06 -3.89
CA SER A 100 11.29 5.09 -2.95
C SER A 100 11.13 4.51 -1.56
N PHE A 101 10.47 3.35 -1.46
CA PHE A 101 10.41 2.74 -0.16
C PHE A 101 11.80 2.34 0.27
N GLY A 102 12.70 2.08 -0.68
CA GLY A 102 14.10 1.98 -0.32
C GLY A 102 14.59 3.19 0.45
N ALA A 103 14.40 4.38 -0.13
CA ALA A 103 14.81 5.62 0.53
C ALA A 103 14.15 5.74 1.90
N PHE A 104 12.86 5.39 1.97
CA PHE A 104 12.13 5.50 3.22
C PHE A 104 12.82 4.71 4.31
N VAL A 105 13.20 3.47 3.98
CA VAL A 105 13.89 2.63 4.95
C VAL A 105 15.24 3.22 5.31
N ALA A 106 15.96 3.79 4.34
CA ALA A 106 17.27 4.36 4.64
C ALA A 106 17.16 5.52 5.62
N LYS A 107 16.12 6.34 5.46
CA LYS A 107 15.89 7.42 6.42
C LYS A 107 15.63 6.86 7.81
N HIS A 108 14.82 5.80 7.88
CA HIS A 108 14.66 5.09 9.16
C HIS A 108 16.01 4.62 9.71
N LEU A 109 16.84 3.98 8.88
CA LEU A 109 18.09 3.40 9.33
C LEU A 109 18.98 4.46 9.92
N LYS A 110 18.98 5.65 9.32
CA LYS A 110 19.78 6.75 9.87
C LYS A 110 19.16 7.25 11.18
N THR A 111 17.83 7.22 11.30
CA THR A 111 17.18 7.72 12.50
C THR A 111 17.55 6.89 13.73
N ILE A 112 17.71 5.59 13.57
CA ILE A 112 18.11 4.73 14.68
C ILE A 112 19.62 4.51 14.68
N ASN A 113 20.37 5.43 14.07
CA ASN A 113 21.83 5.41 14.01
C ASN A 113 22.34 4.09 13.41
N GLN A 114 21.82 3.73 12.24
CA GLN A 114 22.29 2.54 11.53
C GLN A 114 22.56 2.88 10.07
N GLU A 115 23.26 3.99 9.86
CA GLU A 115 23.62 4.41 8.50
C GLU A 115 24.36 3.32 7.74
N SER A 116 25.18 2.52 8.44
CA SER A 116 25.95 1.46 7.80
C SER A 116 25.10 0.55 6.94
N CYS A 117 23.88 0.26 7.38
CA CYS A 117 23.11 -0.67 6.56
C CYS A 117 22.62 -0.06 5.25
N ILE A 118 22.86 1.22 4.99
CA ILE A 118 22.29 1.82 3.79
C ILE A 118 22.91 1.21 2.55
N GLU A 119 24.24 1.04 2.56
CA GLU A 119 24.89 0.41 1.41
C GLU A 119 24.35 -0.97 1.17
N PRO A 120 24.37 -1.90 2.13
CA PRO A 120 23.82 -3.22 1.84
C PRO A 120 22.40 -3.11 1.33
N LEU A 121 21.59 -2.24 1.94
CA LEU A 121 20.21 -2.08 1.50
C LEU A 121 20.17 -1.69 0.03
N ALA A 122 20.95 -0.67 -0.33
CA ALA A 122 21.08 -0.27 -1.73
C ALA A 122 21.37 -1.47 -2.59
N GLU A 123 22.44 -2.20 -2.25
CA GLU A 123 22.85 -3.31 -3.10
C GLU A 123 21.74 -4.32 -3.22
N SER A 124 21.05 -4.57 -2.12
CA SER A 124 19.95 -5.51 -2.15
C SER A 124 18.87 -5.04 -3.13
N ILE A 125 18.45 -3.79 -3.03
CA ILE A 125 17.46 -3.30 -3.99
C ILE A 125 18.00 -3.50 -5.40
N THR A 126 19.25 -3.11 -5.62
CA THR A 126 19.73 -3.17 -6.99
C THR A 126 19.72 -4.61 -7.48
N ASP A 127 20.10 -5.55 -6.61
CA ASP A 127 20.19 -6.91 -7.09
C ASP A 127 18.78 -7.41 -7.42
N VAL A 128 17.83 -7.15 -6.53
CA VAL A 128 16.46 -7.58 -6.80
C VAL A 128 16.00 -7.01 -8.14
N LEU A 129 16.28 -5.73 -8.39
CA LEU A 129 15.74 -5.16 -9.60
C LEU A 129 16.37 -5.83 -10.81
N VAL A 130 17.71 -5.94 -10.83
CA VAL A 130 18.36 -6.40 -12.05
C VAL A 130 18.13 -7.88 -12.25
N ARG A 131 18.41 -8.69 -11.22
CA ARG A 131 18.08 -10.10 -11.17
C ARG A 131 16.71 -10.34 -11.78
N THR A 132 15.73 -9.50 -11.45
CA THR A 132 14.38 -9.81 -11.89
C THR A 132 13.97 -9.15 -13.20
N LYS A 133 14.57 -8.03 -13.59
CA LYS A 133 13.98 -7.27 -14.68
C LYS A 133 14.98 -6.82 -15.75
N ARG A 134 16.17 -7.41 -15.82
CA ARG A 134 17.18 -6.83 -16.70
C ARG A 134 16.60 -6.72 -18.12
N ASP A 135 15.95 -7.78 -18.60
CA ASP A 135 15.41 -7.77 -19.95
C ASP A 135 14.47 -6.58 -20.12
N TRP A 136 13.49 -6.47 -19.23
CA TRP A 136 12.56 -5.35 -19.33
C TRP A 136 13.31 -4.04 -19.37
N LEU A 137 14.22 -3.86 -18.41
CA LEU A 137 14.98 -2.62 -18.32
C LEU A 137 15.82 -2.39 -19.56
N VAL A 138 16.34 -3.47 -20.15
CA VAL A 138 17.15 -3.30 -21.34
C VAL A 138 16.28 -2.82 -22.51
N LYS A 139 15.04 -3.31 -22.58
CA LYS A 139 14.26 -2.99 -23.75
C LYS A 139 13.34 -1.81 -23.53
N GLN A 140 13.37 -1.22 -22.35
CA GLN A 140 12.86 0.12 -22.17
C GLN A 140 13.98 1.12 -22.20
N ARG A 141 15.07 0.75 -22.87
CA ARG A 141 16.24 1.59 -23.08
C ARG A 141 16.74 2.16 -21.76
N GLY A 142 16.70 1.31 -20.73
CA GLY A 142 17.36 1.50 -19.47
C GLY A 142 17.07 2.83 -18.80
N TRP A 143 18.12 3.37 -18.17
CA TRP A 143 17.96 4.58 -17.39
C TRP A 143 17.74 5.81 -18.25
N ASP A 144 18.18 5.82 -19.51
CA ASP A 144 17.73 6.89 -20.39
C ASP A 144 16.22 6.78 -20.62
N GLY A 145 15.72 5.54 -20.75
CA GLY A 145 14.28 5.34 -20.80
C GLY A 145 13.58 5.83 -19.55
N PHE A 146 14.24 5.69 -18.40
CA PHE A 146 13.67 6.16 -17.15
C PHE A 146 13.58 7.69 -17.15
N VAL A 147 14.65 8.36 -17.57
CA VAL A 147 14.64 9.82 -17.61
C VAL A 147 13.53 10.33 -18.53
N GLU A 148 13.43 9.77 -19.75
CA GLU A 148 12.47 10.30 -20.71
C GLU A 148 11.02 10.01 -20.33
N PHE A 149 10.71 8.79 -19.92
CA PHE A 149 9.33 8.45 -19.59
C PHE A 149 8.75 9.45 -18.59
N PHE A 150 9.55 9.85 -17.61
CA PHE A 150 9.07 10.72 -16.54
C PHE A 150 9.35 12.18 -16.83
N HIS A 151 9.98 12.47 -17.97
CA HIS A 151 10.31 13.80 -18.47
C HIS A 151 9.88 14.90 -17.51
N VAL A 152 10.76 15.33 -16.62
CA VAL A 152 10.40 16.31 -15.61
C VAL A 152 9.79 17.55 -16.26
N GLU A 153 8.46 17.62 -16.22
CA GLU A 153 7.66 18.77 -16.62
C GLU A 153 6.92 19.33 -15.42
N ASP A 154 7.46 19.08 -14.23
CA ASP A 154 7.03 19.72 -13.01
C ASP A 154 8.07 20.70 -12.48
N LEU A 155 9.32 20.60 -12.95
CA LEU A 155 10.36 21.59 -12.68
C LEU A 155 10.82 22.35 -13.93
N GLU A 156 10.69 21.76 -15.11
CA GLU A 156 11.18 22.34 -16.38
C GLU A 156 12.70 22.48 -16.45
N ASP B 2 -15.40 37.22 -9.69
CA ASP B 2 -15.45 38.63 -10.07
C ASP B 2 -14.08 39.22 -10.34
N ASP B 3 -13.13 38.90 -9.47
CA ASP B 3 -11.75 39.32 -9.65
C ASP B 3 -11.16 38.63 -10.88
N GLU B 4 -10.01 39.12 -11.34
CA GLU B 4 -9.61 38.67 -12.67
C GLU B 4 -8.66 37.49 -12.65
N LEU B 5 -7.98 37.20 -11.53
CA LEU B 5 -7.18 35.99 -11.50
C LEU B 5 -8.07 34.76 -11.47
N TYR B 6 -9.21 34.84 -10.78
CA TYR B 6 -10.18 33.76 -10.81
C TYR B 6 -10.73 33.54 -12.22
N ARG B 7 -11.02 34.62 -12.92
CA ARG B 7 -11.62 34.47 -14.25
C ARG B 7 -10.58 33.97 -15.26
N GLN B 8 -9.34 34.45 -15.18
CA GLN B 8 -8.36 33.99 -16.16
C GLN B 8 -8.00 32.54 -15.94
N SER B 9 -7.81 32.16 -14.68
CA SER B 9 -7.56 30.76 -14.38
C SER B 9 -8.73 29.89 -14.78
N LEU B 10 -9.96 30.37 -14.56
CA LEU B 10 -11.14 29.60 -14.97
C LEU B 10 -11.17 29.44 -16.48
N GLU B 11 -10.75 30.47 -17.20
CA GLU B 11 -10.76 30.44 -18.66
C GLU B 11 -9.76 29.42 -19.20
N ILE B 12 -8.53 29.46 -18.70
CA ILE B 12 -7.52 28.50 -19.15
C ILE B 12 -7.93 27.09 -18.78
N ILE B 13 -8.30 26.89 -17.51
CA ILE B 13 -8.62 25.57 -16.98
C ILE B 13 -9.81 24.96 -17.70
N SER B 14 -10.83 25.77 -17.99
CA SER B 14 -11.97 25.29 -18.75
C SER B 14 -11.60 24.91 -20.17
N ARG B 15 -10.81 25.74 -20.86
CA ARG B 15 -10.50 25.34 -22.24
C ARG B 15 -9.67 24.07 -22.27
N TYR B 16 -8.76 23.91 -21.31
CA TYR B 16 -7.97 22.69 -21.28
C TYR B 16 -8.83 21.48 -20.99
N LEU B 17 -9.72 21.58 -20.00
CA LEU B 17 -10.53 20.42 -19.66
C LEU B 17 -11.51 20.06 -20.79
N ARG B 18 -12.17 21.05 -21.40
CA ARG B 18 -13.15 20.70 -22.43
C ARG B 18 -12.48 20.29 -23.74
N GLU B 19 -11.29 20.80 -24.03
CA GLU B 19 -10.66 20.35 -25.27
C GLU B 19 -10.01 18.97 -25.09
N GLN B 20 -9.39 18.71 -23.94
CA GLN B 20 -8.93 17.34 -23.68
C GLN B 20 -10.12 16.39 -23.63
N ALA B 21 -11.28 16.90 -23.20
CA ALA B 21 -12.44 16.05 -23.03
C ALA B 21 -13.05 15.67 -24.36
N THR B 22 -13.11 16.61 -25.31
CA THR B 22 -13.77 16.40 -26.60
C THR B 22 -12.81 16.34 -27.79
N GLY B 23 -11.52 16.54 -27.59
CA GLY B 23 -10.58 16.64 -28.70
C GLY B 23 -10.87 17.73 -29.70
N ALA B 24 -11.46 18.85 -29.26
CA ALA B 24 -11.71 19.99 -30.13
C ALA B 24 -11.44 21.27 -29.38
N LYS B 25 -10.51 22.06 -29.87
CA LYS B 25 -10.28 23.40 -29.32
C LYS B 25 -11.41 24.33 -29.76
N ASP B 26 -11.70 25.32 -28.91
CA ASP B 26 -12.81 26.24 -29.17
C ASP B 26 -12.40 27.62 -28.63
N THR B 27 -11.85 28.46 -29.52
CA THR B 27 -11.43 29.79 -29.10
C THR B 27 -12.03 30.86 -30.00
N MET B 30 -10.09 35.47 -25.52
CA MET B 30 -8.74 36.02 -25.52
C MET B 30 -8.67 37.50 -25.94
N GLY B 31 -8.88 38.44 -25.02
CA GLY B 31 -8.43 39.80 -25.24
C GLY B 31 -8.02 40.45 -23.94
N ARG B 32 -6.97 41.29 -24.00
CA ARG B 32 -6.32 41.97 -22.86
C ARG B 32 -5.27 41.07 -22.21
N SER B 33 -5.70 40.30 -21.22
CA SER B 33 -4.91 39.20 -20.69
C SER B 33 -4.86 38.06 -21.65
N GLY B 34 -5.45 38.24 -22.83
CA GLY B 34 -5.27 37.28 -23.90
C GLY B 34 -3.89 37.41 -24.48
N ALA B 35 -3.22 36.27 -24.63
CA ALA B 35 -1.85 36.02 -25.10
C ALA B 35 -1.13 35.35 -23.93
N THR B 36 -1.22 35.94 -22.73
CA THR B 36 -0.84 35.19 -21.54
C THR B 36 -1.68 33.94 -21.46
N SER B 37 -2.99 34.07 -21.66
CA SER B 37 -3.86 32.90 -21.61
C SER B 37 -3.57 31.94 -22.76
N ARG B 38 -3.26 32.47 -23.95
CA ARG B 38 -2.88 31.58 -25.05
C ARG B 38 -1.62 30.79 -24.72
N LYS B 39 -0.51 31.49 -24.43
CA LYS B 39 0.73 30.79 -24.12
C LYS B 39 0.56 29.86 -22.93
N ALA B 40 -0.22 30.29 -21.93
CA ALA B 40 -0.51 29.42 -20.79
C ALA B 40 -1.19 28.15 -21.26
N LEU B 41 -2.11 28.27 -22.20
CA LEU B 41 -2.82 27.07 -22.63
C LEU B 41 -1.90 26.14 -23.40
N GLU B 42 -1.05 26.71 -24.28
CA GLU B 42 -0.07 25.88 -24.98
C GLU B 42 0.83 25.15 -23.99
N THR B 43 1.37 25.88 -22.99
CA THR B 43 2.20 25.29 -21.94
C THR B 43 1.47 24.14 -21.27
N LEU B 44 0.25 24.41 -20.79
CA LEU B 44 -0.61 23.39 -20.21
C LEU B 44 -0.78 22.16 -21.09
N ARG B 45 -0.85 22.34 -22.42
CA ARG B 45 -1.01 21.15 -23.25
C ARG B 45 0.26 20.30 -23.25
N ARG B 46 1.42 20.94 -23.40
CA ARG B 46 2.67 20.18 -23.37
C ARG B 46 2.89 19.51 -22.00
N VAL B 47 2.92 20.32 -20.93
CA VAL B 47 3.21 19.81 -19.60
C VAL B 47 2.10 18.88 -19.11
N GLY B 48 0.85 19.23 -19.38
CA GLY B 48 -0.25 18.40 -18.90
C GLY B 48 -0.40 17.09 -19.66
N ASP B 49 -0.16 17.11 -20.98
CA ASP B 49 -0.13 15.84 -21.70
C ASP B 49 0.97 14.94 -21.17
N GLY B 50 2.16 15.51 -20.91
CA GLY B 50 3.24 14.72 -20.34
C GLY B 50 2.86 14.10 -19.00
N VAL B 51 2.31 14.93 -18.10
CA VAL B 51 1.92 14.43 -16.78
C VAL B 51 0.84 13.36 -16.89
N GLN B 52 -0.08 13.47 -17.87
CA GLN B 52 -1.07 12.42 -18.04
C GLN B 52 -0.44 11.13 -18.58
N ARG B 53 0.58 11.25 -19.43
CA ARG B 53 1.30 10.04 -19.78
C ARG B 53 2.02 9.44 -18.57
N ASN B 54 2.44 10.27 -17.62
CA ASN B 54 3.26 9.79 -16.52
C ASN B 54 2.48 9.26 -15.33
N HIS B 55 1.19 9.56 -15.22
CA HIS B 55 0.46 9.29 -13.98
C HIS B 55 -0.79 8.44 -14.22
N GLU B 56 -0.81 7.64 -15.29
CA GLU B 56 -2.06 7.02 -15.70
C GLU B 56 -2.60 6.02 -14.68
N THR B 57 -1.73 5.18 -14.08
CA THR B 57 -2.25 4.19 -13.13
C THR B 57 -2.82 4.85 -11.88
N ALA B 58 -2.11 5.83 -11.32
CA ALA B 58 -2.63 6.56 -10.16
C ALA B 58 -3.92 7.30 -10.50
N PHE B 59 -3.95 7.99 -11.65
CA PHE B 59 -5.18 8.66 -12.07
C PHE B 59 -6.32 7.64 -12.21
N GLN B 60 -5.99 6.45 -12.72
CA GLN B 60 -6.97 5.39 -12.88
C GLN B 60 -7.57 4.98 -11.54
N GLY B 61 -6.70 4.58 -10.61
CA GLY B 61 -7.17 4.11 -9.33
C GLY B 61 -7.90 5.19 -8.56
N MET B 62 -7.45 6.43 -8.69
CA MET B 62 -8.11 7.46 -7.91
C MET B 62 -9.45 7.87 -8.52
N LEU B 63 -9.54 7.94 -9.85
CA LEU B 63 -10.84 8.22 -10.47
C LEU B 63 -11.83 7.09 -10.18
N ARG B 64 -11.36 5.85 -10.13
CA ARG B 64 -12.24 4.76 -9.74
C ARG B 64 -12.66 4.88 -8.29
N LYS B 65 -11.73 5.27 -7.41
CA LYS B 65 -12.09 5.40 -6.01
C LYS B 65 -13.13 6.50 -5.81
N LEU B 66 -13.04 7.57 -6.59
CA LEU B 66 -13.94 8.71 -6.41
C LEU B 66 -15.35 8.44 -6.92
N ASP B 67 -15.48 7.57 -7.93
CA ASP B 67 -16.79 7.16 -8.44
C ASP B 67 -17.67 8.38 -8.77
N ILE B 68 -17.29 9.05 -9.85
CA ILE B 68 -17.91 10.30 -10.27
C ILE B 68 -18.90 9.96 -11.38
N LYS B 69 -20.21 10.06 -11.10
CA LYS B 69 -21.24 9.66 -12.05
C LYS B 69 -22.12 10.80 -12.52
N ASN B 70 -22.22 11.87 -11.76
CA ASN B 70 -23.19 12.93 -12.05
C ASN B 70 -22.67 14.20 -11.43
N GLU B 71 -23.46 15.27 -11.53
CA GLU B 71 -22.93 16.57 -11.13
C GLU B 71 -22.85 16.70 -9.61
N ASP B 72 -23.74 16.02 -8.89
CA ASP B 72 -23.69 16.05 -7.42
C ASP B 72 -22.40 15.41 -6.91
N ASP B 73 -21.92 14.37 -7.59
CA ASP B 73 -20.62 13.79 -7.23
C ASP B 73 -19.49 14.77 -7.47
N VAL B 74 -19.55 15.52 -8.58
CA VAL B 74 -18.51 16.52 -8.80
C VAL B 74 -18.58 17.58 -7.72
N LYS B 75 -19.78 17.89 -7.23
CA LYS B 75 -19.89 18.87 -6.14
C LYS B 75 -19.27 18.32 -4.86
N SER B 76 -19.19 16.99 -4.71
CA SER B 76 -18.57 16.42 -3.54
C SER B 76 -17.04 16.30 -3.64
N LEU B 77 -16.43 16.74 -4.74
CA LEU B 77 -14.98 16.63 -4.88
C LEU B 77 -14.18 17.67 -4.11
N SER B 78 -14.77 18.80 -3.74
CA SER B 78 -13.95 19.92 -3.28
C SER B 78 -13.03 19.54 -2.12
N ARG B 79 -13.57 18.92 -1.05
CA ARG B 79 -12.73 18.74 0.13
C ARG B 79 -11.64 17.69 -0.07
N VAL B 80 -11.92 16.59 -0.79
CA VAL B 80 -10.86 15.63 -1.04
C VAL B 80 -9.77 16.26 -1.91
N MET B 81 -10.14 17.10 -2.86
CA MET B 81 -9.15 17.79 -3.68
C MET B 81 -8.31 18.74 -2.84
N ILE B 82 -8.94 19.44 -1.89
CA ILE B 82 -8.22 20.24 -0.89
C ILE B 82 -7.29 19.36 -0.05
N HIS B 83 -7.78 18.22 0.43
CA HIS B 83 -6.96 17.37 1.28
C HIS B 83 -5.70 16.93 0.54
N VAL B 84 -5.82 16.65 -0.76
CA VAL B 84 -4.64 16.22 -1.52
C VAL B 84 -3.76 17.42 -1.87
N PHE B 85 -4.37 18.57 -2.18
CA PHE B 85 -3.64 19.70 -2.75
C PHE B 85 -3.21 20.76 -1.74
N SER B 86 -3.90 20.89 -0.61
CA SER B 86 -3.67 21.98 0.32
C SER B 86 -2.63 21.67 1.38
N ASP B 87 -1.99 20.49 1.32
CA ASP B 87 -1.01 20.12 2.34
C ASP B 87 0.36 20.15 1.70
N GLY B 88 1.29 20.77 2.40
CA GLY B 88 2.64 20.91 1.92
C GLY B 88 2.82 22.21 1.17
N VAL B 89 4.06 22.45 0.77
CA VAL B 89 4.33 23.65 0.00
C VAL B 89 3.70 23.48 -1.38
N THR B 90 3.36 24.61 -1.98
CA THR B 90 2.85 24.62 -3.34
C THR B 90 3.97 24.93 -4.33
N ASN B 91 3.98 24.19 -5.44
CA ASN B 91 4.87 24.49 -6.55
C ASN B 91 4.10 24.30 -7.85
N TRP B 92 4.65 24.85 -8.93
CA TRP B 92 3.95 24.78 -10.21
C TRP B 92 3.65 23.35 -10.62
N GLY B 93 4.49 22.39 -10.19
CA GLY B 93 4.23 20.99 -10.50
C GLY B 93 2.91 20.49 -9.92
N ARG B 94 2.59 20.89 -8.69
CA ARG B 94 1.34 20.42 -8.09
C ARG B 94 0.13 21.05 -8.77
N ILE B 95 0.31 22.27 -9.27
CA ILE B 95 -0.75 22.94 -10.01
C ILE B 95 -0.99 22.25 -11.34
N VAL B 96 0.09 21.89 -12.04
CA VAL B 96 -0.04 21.22 -13.32
C VAL B 96 -0.65 19.84 -13.12
N THR B 97 -0.29 19.16 -12.03
CA THR B 97 -0.88 17.87 -11.75
C THR B 97 -2.35 18.00 -11.41
N LEU B 98 -2.69 18.98 -10.56
CA LEU B 98 -4.07 19.30 -10.23
C LEU B 98 -4.90 19.47 -11.49
N ILE B 99 -4.44 20.32 -12.40
CA ILE B 99 -5.21 20.60 -13.59
C ILE B 99 -5.25 19.36 -14.47
N SER B 100 -4.15 18.61 -14.52
CA SER B 100 -4.02 17.42 -15.37
C SER B 100 -5.00 16.31 -14.96
N PHE B 101 -5.07 16.02 -13.66
CA PHE B 101 -6.11 15.10 -13.23
C PHE B 101 -7.51 15.71 -13.43
N GLY B 102 -7.61 17.05 -13.43
CA GLY B 102 -8.81 17.67 -13.97
C GLY B 102 -9.11 17.17 -15.37
N ALA B 103 -8.12 17.23 -16.26
CA ALA B 103 -8.29 16.75 -17.63
C ALA B 103 -8.72 15.29 -17.65
N PHE B 104 -8.04 14.44 -16.88
CA PHE B 104 -8.32 13.02 -16.86
C PHE B 104 -9.76 12.75 -16.47
N VAL B 105 -10.21 13.35 -15.38
CA VAL B 105 -11.58 13.15 -14.92
C VAL B 105 -12.57 13.68 -15.95
N ALA B 106 -12.26 14.82 -16.57
CA ALA B 106 -13.19 15.37 -17.54
C ALA B 106 -13.35 14.45 -18.73
N LYS B 107 -12.23 13.90 -19.25
CA LYS B 107 -12.33 12.91 -20.31
C LYS B 107 -13.23 11.77 -19.86
N HIS B 108 -13.06 11.33 -18.61
CA HIS B 108 -13.96 10.34 -18.04
C HIS B 108 -15.41 10.76 -18.16
N LEU B 109 -15.72 11.98 -17.74
CA LEU B 109 -17.11 12.46 -17.73
C LEU B 109 -17.70 12.46 -19.13
N LYS B 110 -16.89 12.79 -20.14
CA LYS B 110 -17.38 12.69 -21.51
C LYS B 110 -17.66 11.24 -21.87
N THR B 111 -16.81 10.32 -21.41
CA THR B 111 -17.01 8.91 -21.75
C THR B 111 -18.35 8.38 -21.25
N ILE B 112 -18.79 8.80 -20.07
CA ILE B 112 -20.03 8.28 -19.51
C ILE B 112 -21.21 9.21 -19.82
N ASN B 113 -21.08 10.05 -20.84
CA ASN B 113 -22.12 10.99 -21.25
C ASN B 113 -22.51 11.93 -20.10
N GLN B 114 -21.49 12.63 -19.57
CA GLN B 114 -21.72 13.65 -18.55
C GLN B 114 -20.93 14.91 -18.88
N GLU B 115 -21.02 15.36 -20.12
CA GLU B 115 -20.36 16.60 -20.49
C GLU B 115 -20.80 17.79 -19.61
N SER B 116 -22.07 17.84 -19.16
CA SER B 116 -22.44 18.93 -18.23
C SER B 116 -21.46 19.08 -17.07
N CYS B 117 -21.00 17.98 -16.48
CA CYS B 117 -20.23 18.20 -15.28
C CYS B 117 -18.84 18.75 -15.54
N ILE B 118 -18.44 18.98 -16.80
CA ILE B 118 -17.07 19.42 -17.05
C ILE B 118 -16.85 20.83 -16.49
N GLU B 119 -17.80 21.74 -16.73
CA GLU B 119 -17.66 23.11 -16.23
C GLU B 119 -17.80 23.19 -14.70
N PRO B 120 -18.79 22.55 -14.08
CA PRO B 120 -18.68 22.39 -12.63
C PRO B 120 -17.35 21.78 -12.20
N LEU B 121 -16.82 20.78 -12.91
CA LEU B 121 -15.52 20.29 -12.48
C LEU B 121 -14.50 21.44 -12.49
N ALA B 122 -14.40 22.12 -13.63
CA ALA B 122 -13.49 23.27 -13.73
C ALA B 122 -13.76 24.27 -12.63
N GLU B 123 -15.05 24.57 -12.40
CA GLU B 123 -15.54 25.30 -11.23
C GLU B 123 -14.66 24.98 -10.02
N SER B 124 -14.82 23.79 -9.44
CA SER B 124 -14.16 23.48 -8.18
C SER B 124 -12.68 23.70 -8.31
N ILE B 125 -12.09 23.18 -9.40
CA ILE B 125 -10.63 23.22 -9.52
C ILE B 125 -10.15 24.65 -9.40
N THR B 126 -10.65 25.53 -10.27
CA THR B 126 -10.14 26.88 -10.27
C THR B 126 -10.44 27.51 -8.92
N ASP B 127 -11.60 27.17 -8.38
CA ASP B 127 -11.99 27.73 -7.10
C ASP B 127 -11.01 27.27 -6.04
N VAL B 128 -10.79 25.97 -5.96
CA VAL B 128 -9.81 25.43 -5.01
C VAL B 128 -8.46 26.07 -5.26
N LEU B 129 -8.09 26.20 -6.54
CA LEU B 129 -6.76 26.70 -6.81
C LEU B 129 -6.61 28.12 -6.31
N VAL B 130 -7.59 28.98 -6.59
CA VAL B 130 -7.43 30.39 -6.25
C VAL B 130 -7.68 30.60 -4.76
N ARG B 131 -8.89 30.22 -4.30
CA ARG B 131 -9.30 30.44 -2.92
C ARG B 131 -8.24 30.03 -1.92
N THR B 132 -7.41 29.03 -2.25
CA THR B 132 -6.43 28.54 -1.31
C THR B 132 -5.00 28.96 -1.63
N LYS B 133 -4.70 29.39 -2.86
CA LYS B 133 -3.32 29.62 -3.26
C LYS B 133 -3.11 31.00 -3.88
N ARG B 134 -4.16 31.83 -3.89
CA ARG B 134 -4.11 33.22 -4.32
C ARG B 134 -2.75 33.87 -4.04
N ASP B 135 -2.42 33.99 -2.75
CA ASP B 135 -1.15 34.60 -2.35
C ASP B 135 0.04 34.02 -3.10
N TRP B 136 0.20 32.70 -3.05
CA TRP B 136 1.34 32.11 -3.76
C TRP B 136 1.29 32.49 -5.23
N LEU B 137 0.12 32.31 -5.85
CA LEU B 137 -0.01 32.59 -7.27
C LEU B 137 0.28 34.06 -7.57
N VAL B 138 -0.03 34.95 -6.62
CA VAL B 138 0.23 36.37 -6.88
C VAL B 138 1.74 36.64 -6.89
N LYS B 139 2.51 35.98 -6.02
CA LYS B 139 3.90 36.38 -5.96
C LYS B 139 4.79 35.53 -6.86
N GLN B 140 4.24 34.57 -7.60
CA GLN B 140 4.96 33.92 -8.70
C GLN B 140 4.46 34.44 -10.05
N ARG B 141 4.01 35.70 -10.08
CA ARG B 141 3.60 36.42 -11.29
C ARG B 141 2.56 35.66 -12.11
N GLY B 142 1.61 35.06 -11.40
CA GLY B 142 0.45 34.50 -12.07
C GLY B 142 0.82 33.63 -13.24
N TRP B 143 -0.01 33.69 -14.28
CA TRP B 143 0.14 32.86 -15.46
C TRP B 143 1.33 33.26 -16.32
N ASP B 144 1.81 34.51 -16.22
CA ASP B 144 3.08 34.84 -16.85
C ASP B 144 4.25 34.15 -16.16
N GLY B 145 4.24 34.12 -14.83
CA GLY B 145 5.23 33.35 -14.11
C GLY B 145 5.14 31.88 -14.45
N PHE B 146 3.92 31.37 -14.65
CA PHE B 146 3.72 29.97 -15.04
C PHE B 146 4.27 29.69 -16.43
N VAL B 147 3.95 30.56 -17.39
CA VAL B 147 4.44 30.38 -18.75
C VAL B 147 5.97 30.43 -18.77
N GLU B 148 6.57 31.37 -18.04
CA GLU B 148 8.02 31.51 -18.04
C GLU B 148 8.69 30.31 -17.37
N PHE B 149 8.11 29.85 -16.26
CA PHE B 149 8.70 28.75 -15.49
C PHE B 149 8.96 27.54 -16.40
N PHE B 150 8.07 27.34 -17.37
CA PHE B 150 8.10 26.19 -18.26
C PHE B 150 8.71 26.50 -19.63
N HIS B 151 9.20 27.73 -19.85
CA HIS B 151 9.69 28.13 -21.16
C HIS B 151 10.75 27.15 -21.67
N VAL B 152 10.64 26.82 -22.95
CA VAL B 152 11.51 25.83 -23.58
C VAL B 152 12.91 26.39 -23.75
N ASP C 3 -24.37 -7.02 -0.56
CA ASP C 3 -25.74 -7.29 -0.11
C ASP C 3 -25.79 -7.62 1.38
N GLU C 4 -25.78 -8.91 1.74
CA GLU C 4 -26.01 -9.26 3.13
C GLU C 4 -24.82 -8.93 4.02
N LEU C 5 -23.61 -8.94 3.47
CA LEU C 5 -22.49 -8.44 4.25
C LEU C 5 -22.56 -6.94 4.38
N TYR C 6 -23.01 -6.25 3.33
CA TYR C 6 -23.28 -4.83 3.45
C TYR C 6 -24.37 -4.54 4.46
N ARG C 7 -25.41 -5.39 4.51
CA ARG C 7 -26.52 -5.07 5.39
C ARG C 7 -26.14 -5.33 6.84
N GLN C 8 -25.47 -6.45 7.14
CA GLN C 8 -25.10 -6.67 8.55
C GLN C 8 -23.98 -5.72 8.98
N SER C 9 -22.97 -5.47 8.13
CA SER C 9 -22.00 -4.45 8.49
C SER C 9 -22.69 -3.11 8.72
N LEU C 10 -23.69 -2.81 7.88
CA LEU C 10 -24.42 -1.56 8.04
C LEU C 10 -25.17 -1.50 9.37
N GLU C 11 -25.77 -2.63 9.78
CA GLU C 11 -26.52 -2.67 11.03
C GLU C 11 -25.60 -2.43 12.24
N ILE C 12 -24.46 -3.12 12.25
CA ILE C 12 -23.51 -2.94 13.36
C ILE C 12 -23.03 -1.50 13.43
N ILE C 13 -22.53 -0.98 12.30
CA ILE C 13 -21.93 0.35 12.35
C ILE C 13 -22.97 1.42 12.68
N SER C 14 -24.19 1.29 12.13
CA SER C 14 -25.25 2.25 12.44
C SER C 14 -25.59 2.24 13.92
N ARG C 15 -25.80 1.04 14.48
CA ARG C 15 -26.24 1.00 15.86
C ARG C 15 -25.16 1.51 16.79
N TYR C 16 -23.89 1.26 16.44
CA TYR C 16 -22.80 1.80 17.23
C TYR C 16 -22.73 3.32 17.13
N LEU C 17 -22.83 3.86 15.92
CA LEU C 17 -22.73 5.30 15.77
C LEU C 17 -23.85 5.99 16.53
N ARG C 18 -25.05 5.37 16.53
CA ARG C 18 -26.25 5.98 17.07
C ARG C 18 -26.32 5.87 18.58
N GLU C 19 -25.88 4.74 19.12
CA GLU C 19 -25.80 4.61 20.58
C GLU C 19 -24.68 5.47 21.13
N GLN C 20 -23.60 5.63 20.37
CA GLN C 20 -22.57 6.56 20.80
C GLN C 20 -23.08 8.00 20.75
N ALA C 21 -23.96 8.32 19.81
CA ALA C 21 -24.47 9.70 19.75
C ALA C 21 -25.49 9.97 20.87
N THR C 22 -26.39 9.02 21.13
CA THR C 22 -27.43 9.20 22.13
C THR C 22 -27.19 8.29 23.35
N GLY C 23 -27.21 6.98 23.17
CA GLY C 23 -27.10 6.06 24.29
C GLY C 23 -27.85 4.77 24.04
N GLY C 34 -27.84 -12.13 13.71
CA GLY C 34 -28.51 -12.41 14.97
C GLY C 34 -27.57 -12.22 16.14
N ALA C 35 -27.21 -13.33 16.80
CA ALA C 35 -26.26 -13.24 17.90
C ALA C 35 -24.94 -12.67 17.43
N THR C 36 -24.50 -13.08 16.23
CA THR C 36 -23.24 -12.61 15.66
C THR C 36 -23.15 -11.09 15.70
N SER C 37 -24.17 -10.41 15.16
CA SER C 37 -24.12 -8.95 15.09
C SER C 37 -24.18 -8.32 16.46
N ARG C 38 -24.88 -8.97 17.39
CA ARG C 38 -24.93 -8.48 18.76
C ARG C 38 -23.55 -8.50 19.40
N LYS C 39 -22.82 -9.62 19.28
CA LYS C 39 -21.49 -9.66 19.89
C LYS C 39 -20.51 -8.76 19.15
N ALA C 40 -20.67 -8.62 17.84
CA ALA C 40 -19.87 -7.63 17.14
C ALA C 40 -20.11 -6.25 17.73
N LEU C 41 -21.34 -5.97 18.12
CA LEU C 41 -21.62 -4.65 18.69
C LEU C 41 -20.97 -4.49 20.05
N GLU C 42 -21.11 -5.49 20.93
CA GLU C 42 -20.45 -5.42 22.24
C GLU C 42 -18.93 -5.28 22.10
N THR C 43 -18.33 -6.08 21.22
CA THR C 43 -16.92 -5.88 20.92
C THR C 43 -16.65 -4.46 20.51
N LEU C 44 -17.40 -3.97 19.51
CA LEU C 44 -17.25 -2.59 19.05
C LEU C 44 -17.27 -1.58 20.18
N ARG C 45 -18.09 -1.81 21.21
CA ARG C 45 -18.14 -0.85 22.29
C ARG C 45 -16.82 -0.86 23.05
N ARG C 46 -16.35 -2.04 23.44
CA ARG C 46 -15.10 -2.04 24.19
C ARG C 46 -13.94 -1.49 23.35
N VAL C 47 -13.76 -2.03 22.13
CA VAL C 47 -12.54 -1.76 21.39
C VAL C 47 -12.56 -0.34 20.82
N GLY C 48 -13.72 0.10 20.33
CA GLY C 48 -13.78 1.46 19.80
C GLY C 48 -13.71 2.47 20.92
N ASP C 49 -14.25 2.11 22.08
CA ASP C 49 -14.08 2.93 23.27
C ASP C 49 -12.60 3.15 23.54
N GLY C 50 -11.81 2.06 23.46
CA GLY C 50 -10.36 2.17 23.59
C GLY C 50 -9.74 3.07 22.54
N VAL C 51 -10.12 2.88 21.28
CA VAL C 51 -9.55 3.69 20.21
C VAL C 51 -9.79 5.18 20.47
N GLN C 52 -11.01 5.57 20.89
CA GLN C 52 -11.24 7.01 21.07
C GLN C 52 -10.53 7.55 22.33
N ARG C 53 -10.40 6.74 23.40
CA ARG C 53 -9.63 7.26 24.55
C ARG C 53 -8.15 7.41 24.23
N ASN C 54 -7.58 6.47 23.47
CA ASN C 54 -6.14 6.47 23.22
C ASN C 54 -5.73 7.47 22.14
N HIS C 55 -6.69 8.03 21.41
CA HIS C 55 -6.40 8.90 20.28
C HIS C 55 -7.20 10.20 20.39
N GLU C 56 -7.43 10.67 21.61
CA GLU C 56 -8.37 11.76 21.86
C GLU C 56 -7.94 13.06 21.17
N THR C 57 -6.67 13.43 21.30
CA THR C 57 -6.25 14.67 20.65
C THR C 57 -6.26 14.52 19.14
N ALA C 58 -5.78 13.38 18.63
CA ALA C 58 -5.79 13.16 17.19
C ALA C 58 -7.20 13.23 16.65
N PHE C 59 -8.14 12.53 17.28
CA PHE C 59 -9.53 12.61 16.85
C PHE C 59 -10.05 14.04 16.85
N GLN C 60 -9.85 14.79 17.94
CA GLN C 60 -10.45 16.12 17.97
C GLN C 60 -9.80 17.04 16.95
N GLY C 61 -8.51 16.86 16.67
CA GLY C 61 -7.84 17.70 15.70
C GLY C 61 -8.34 17.43 14.30
N MET C 62 -8.60 16.18 13.99
CA MET C 62 -9.04 15.90 12.63
C MET C 62 -10.52 16.25 12.45
N LEU C 63 -11.32 16.07 13.50
CA LEU C 63 -12.71 16.53 13.42
C LEU C 63 -12.79 18.03 13.26
N ARG C 64 -11.85 18.77 13.85
CA ARG C 64 -11.82 20.21 13.59
C ARG C 64 -11.28 20.51 12.21
N LYS C 65 -10.44 19.65 11.63
CA LYS C 65 -9.97 19.95 10.29
C LYS C 65 -11.05 19.66 9.24
N LEU C 66 -11.88 18.65 9.50
CA LEU C 66 -12.95 18.30 8.57
C LEU C 66 -14.05 19.36 8.56
N ASP C 67 -14.29 20.02 9.68
CA ASP C 67 -15.24 21.15 9.78
C ASP C 67 -16.60 20.77 9.19
N ILE C 68 -17.28 19.91 9.94
CA ILE C 68 -18.52 19.26 9.52
C ILE C 68 -19.70 19.99 10.15
N LYS C 69 -20.54 20.62 9.31
CA LYS C 69 -21.66 21.43 9.79
C LYS C 69 -23.04 20.92 9.41
N ASN C 70 -23.17 20.18 8.31
CA ASN C 70 -24.48 19.79 7.79
C ASN C 70 -24.29 18.61 6.84
N GLU C 71 -25.36 18.28 6.12
CA GLU C 71 -25.33 17.07 5.31
C GLU C 71 -24.46 17.23 4.05
N ASP C 72 -24.31 18.44 3.51
CA ASP C 72 -23.42 18.58 2.35
C ASP C 72 -21.98 18.26 2.66
N ASP C 73 -21.50 18.57 3.85
CA ASP C 73 -20.15 18.14 4.21
C ASP C 73 -20.08 16.61 4.32
N VAL C 74 -21.14 16.01 4.88
CA VAL C 74 -21.18 14.57 5.08
C VAL C 74 -21.13 13.83 3.75
N LYS C 75 -21.79 14.36 2.71
CA LYS C 75 -21.70 13.60 1.46
C LYS C 75 -20.31 13.68 0.86
N SER C 76 -19.56 14.72 1.17
CA SER C 76 -18.20 14.86 0.65
C SER C 76 -17.17 14.19 1.53
N LEU C 77 -17.56 13.65 2.69
CA LEU C 77 -16.57 12.95 3.50
C LEU C 77 -16.19 11.59 2.90
N SER C 78 -17.09 10.95 2.13
CA SER C 78 -16.82 9.58 1.66
C SER C 78 -15.53 9.49 0.87
N ARG C 79 -15.14 10.56 0.19
CA ARG C 79 -13.98 10.46 -0.68
C ARG C 79 -12.69 10.84 0.01
N VAL C 80 -12.77 11.60 1.11
CA VAL C 80 -11.63 11.75 2.01
C VAL C 80 -11.42 10.47 2.77
N MET C 81 -12.52 9.86 3.21
CA MET C 81 -12.45 8.67 4.03
C MET C 81 -11.94 7.49 3.21
N ILE C 82 -12.49 7.33 2.00
CA ILE C 82 -11.93 6.35 1.08
C ILE C 82 -10.47 6.70 0.82
N HIS C 83 -10.16 7.98 0.60
CA HIS C 83 -8.79 8.37 0.26
C HIS C 83 -7.78 7.96 1.34
N VAL C 84 -8.10 8.17 2.61
CA VAL C 84 -7.17 7.87 3.68
C VAL C 84 -7.11 6.38 3.99
N PHE C 85 -8.26 5.71 3.91
CA PHE C 85 -8.38 4.35 4.38
C PHE C 85 -7.98 3.36 3.29
N SER C 86 -7.85 3.85 2.07
CA SER C 86 -7.75 2.99 0.90
C SER C 86 -6.31 2.59 0.56
N ASP C 87 -5.31 3.18 1.20
CA ASP C 87 -3.91 2.97 0.88
C ASP C 87 -3.20 2.34 2.07
N GLY C 88 -2.35 1.36 1.82
CA GLY C 88 -1.66 0.68 2.91
C GLY C 88 -2.26 -0.66 3.27
N VAL C 89 -1.76 -1.21 4.36
CA VAL C 89 -2.23 -2.51 4.82
C VAL C 89 -3.70 -2.44 5.20
N THR C 90 -4.39 -3.56 5.04
CA THR C 90 -5.70 -3.79 5.61
C THR C 90 -5.51 -4.65 6.86
N ASN C 91 -6.08 -4.21 7.98
CA ASN C 91 -6.17 -5.05 9.17
C ASN C 91 -7.33 -4.57 10.03
N TRP C 92 -7.75 -5.44 10.96
CA TRP C 92 -8.89 -5.16 11.81
C TRP C 92 -8.69 -3.87 12.61
N GLY C 93 -7.46 -3.56 12.99
CA GLY C 93 -7.23 -2.34 13.74
C GLY C 93 -7.60 -1.10 12.94
N ARG C 94 -7.24 -1.08 11.66
CA ARG C 94 -7.53 0.09 10.84
C ARG C 94 -9.02 0.22 10.60
N ILE C 95 -9.72 -0.91 10.48
CA ILE C 95 -11.16 -0.90 10.30
C ILE C 95 -11.86 -0.41 11.56
N VAL C 96 -11.43 -0.87 12.74
CA VAL C 96 -12.07 -0.38 13.97
C VAL C 96 -11.73 1.09 14.19
N THR C 97 -10.58 1.56 13.69
CA THR C 97 -10.29 2.99 13.73
C THR C 97 -11.23 3.77 12.81
N LEU C 98 -11.43 3.26 11.59
CA LEU C 98 -12.42 3.84 10.67
C LEU C 98 -13.78 3.97 11.34
N ILE C 99 -14.26 2.89 11.96
CA ILE C 99 -15.59 2.90 12.55
C ILE C 99 -15.61 3.76 13.81
N SER C 100 -14.51 3.73 14.57
CA SER C 100 -14.44 4.50 15.81
C SER C 100 -14.54 5.99 15.50
N PHE C 101 -13.77 6.45 14.51
CA PHE C 101 -13.88 7.84 14.15
C PHE C 101 -15.27 8.12 13.59
N GLY C 102 -15.90 7.09 13.02
CA GLY C 102 -17.32 7.18 12.79
C GLY C 102 -18.09 7.59 14.04
N ALA C 103 -17.91 6.86 15.13
CA ALA C 103 -18.59 7.21 16.38
C ALA C 103 -18.25 8.63 16.78
N PHE C 104 -16.97 8.99 16.74
CA PHE C 104 -16.55 10.33 17.14
C PHE C 104 -17.28 11.42 16.36
N VAL C 105 -17.28 11.32 15.03
CA VAL C 105 -17.95 12.33 14.21
C VAL C 105 -19.44 12.35 14.52
N ALA C 106 -20.03 11.16 14.75
CA ALA C 106 -21.44 11.12 15.06
C ALA C 106 -21.75 11.91 16.33
N LYS C 107 -20.89 11.81 17.35
CA LYS C 107 -21.16 12.56 18.56
C LYS C 107 -21.05 14.06 18.31
N HIS C 108 -20.10 14.46 17.46
CA HIS C 108 -20.07 15.85 17.02
C HIS C 108 -21.42 16.23 16.40
N LEU C 109 -21.93 15.36 15.51
CA LEU C 109 -23.16 15.64 14.78
C LEU C 109 -24.33 15.86 15.73
N LYS C 110 -24.45 15.03 16.75
CA LYS C 110 -25.55 15.21 17.68
C LYS C 110 -25.36 16.45 18.54
N THR C 111 -24.11 16.77 18.89
CA THR C 111 -23.88 17.96 19.70
C THR C 111 -24.40 19.22 19.02
N ILE C 112 -24.29 19.29 17.69
CA ILE C 112 -24.76 20.45 16.94
C ILE C 112 -26.17 20.22 16.36
N ASN C 113 -26.94 19.30 16.95
CA ASN C 113 -28.31 19.02 16.55
C ASN C 113 -28.40 18.72 15.05
N GLN C 114 -27.58 17.77 14.61
CA GLN C 114 -27.64 17.25 13.24
C GLN C 114 -27.62 15.74 13.29
N GLU C 115 -28.47 15.21 14.16
CA GLU C 115 -28.65 13.76 14.26
C GLU C 115 -29.00 13.18 12.90
N SER C 116 -29.70 13.96 12.09
CA SER C 116 -30.09 13.57 10.74
C SER C 116 -28.93 13.01 9.93
N CYS C 117 -27.75 13.62 10.03
CA CYS C 117 -26.62 13.19 9.23
C CYS C 117 -25.94 11.93 9.76
N ILE C 118 -26.37 11.38 10.89
CA ILE C 118 -25.68 10.22 11.42
C ILE C 118 -25.87 9.00 10.54
N GLU C 119 -27.09 8.85 9.96
CA GLU C 119 -27.37 7.72 9.08
C GLU C 119 -26.62 7.83 7.76
N PRO C 120 -26.67 8.96 7.03
CA PRO C 120 -25.81 9.06 5.83
C PRO C 120 -24.36 8.79 6.16
N LEU C 121 -23.89 9.34 7.27
CA LEU C 121 -22.51 9.09 7.68
C LEU C 121 -22.30 7.61 7.88
N ALA C 122 -23.21 6.98 8.65
CA ALA C 122 -23.16 5.53 8.82
C ALA C 122 -23.09 4.87 7.46
N GLU C 123 -24.03 5.25 6.58
CA GLU C 123 -24.09 4.67 5.26
C GLU C 123 -22.76 4.79 4.55
N SER C 124 -22.17 5.99 4.58
CA SER C 124 -20.95 6.16 3.80
C SER C 124 -19.84 5.28 4.37
N ILE C 125 -19.71 5.22 5.70
CA ILE C 125 -18.67 4.37 6.26
C ILE C 125 -18.82 2.96 5.71
N THR C 126 -20.04 2.40 5.80
CA THR C 126 -20.19 1.01 5.39
C THR C 126 -19.86 0.85 3.93
N ASP C 127 -20.25 1.84 3.12
CA ASP C 127 -20.00 1.74 1.70
C ASP C 127 -18.50 1.68 1.48
N VAL C 128 -17.76 2.59 2.11
CA VAL C 128 -16.32 2.64 1.94
C VAL C 128 -15.72 1.32 2.33
N LEU C 129 -16.17 0.75 3.45
CA LEU C 129 -15.51 -0.46 3.90
C LEU C 129 -15.79 -1.58 2.91
N VAL C 130 -17.04 -1.74 2.51
CA VAL C 130 -17.39 -2.95 1.78
C VAL C 130 -16.84 -2.90 0.36
N ARG C 131 -17.22 -1.88 -0.41
CA ARG C 131 -16.56 -1.57 -1.67
C ARG C 131 -15.06 -1.87 -1.66
N THR C 132 -14.35 -1.46 -0.59
CA THR C 132 -12.91 -1.58 -0.65
C THR C 132 -12.37 -2.85 0.00
N LYS C 133 -13.13 -3.49 0.88
CA LYS C 133 -12.57 -4.59 1.64
C LYS C 133 -13.45 -5.82 1.69
N ARG C 134 -14.54 -5.85 0.91
CA ARG C 134 -15.42 -7.00 0.88
C ARG C 134 -14.64 -8.30 0.82
N ASP C 135 -13.76 -8.41 -0.17
CA ASP C 135 -13.04 -9.65 -0.37
C ASP C 135 -12.26 -9.99 0.89
N TRP C 136 -11.52 -9.00 1.42
CA TRP C 136 -10.78 -9.21 2.64
C TRP C 136 -11.69 -9.69 3.76
N LEU C 137 -12.84 -9.02 3.90
CA LEU C 137 -13.77 -9.37 4.96
C LEU C 137 -14.24 -10.83 4.84
N VAL C 138 -14.34 -11.34 3.61
CA VAL C 138 -14.78 -12.73 3.46
C VAL C 138 -13.71 -13.69 3.98
N LYS C 139 -12.44 -13.36 3.79
CA LYS C 139 -11.39 -14.30 4.11
C LYS C 139 -10.81 -14.09 5.49
N GLN C 140 -11.33 -13.13 6.25
CA GLN C 140 -11.18 -13.17 7.69
C GLN C 140 -12.49 -13.57 8.35
N ARG C 141 -13.43 -14.11 7.55
CA ARG C 141 -14.73 -14.64 8.00
C ARG C 141 -15.56 -13.60 8.74
N GLY C 142 -15.60 -12.41 8.17
CA GLY C 142 -16.52 -11.34 8.54
C GLY C 142 -16.56 -11.03 10.01
N TRP C 143 -17.75 -10.67 10.48
CA TRP C 143 -17.94 -10.19 11.84
C TRP C 143 -17.71 -11.27 12.88
N ASP C 144 -17.80 -12.55 12.48
CA ASP C 144 -17.25 -13.57 13.38
C ASP C 144 -15.74 -13.46 13.47
N GLY C 145 -15.08 -13.22 12.34
CA GLY C 145 -13.64 -13.00 12.38
C GLY C 145 -13.27 -11.81 13.24
N PHE C 146 -14.09 -10.78 13.21
CA PHE C 146 -13.89 -9.61 14.05
C PHE C 146 -14.08 -9.95 15.52
N VAL C 147 -15.15 -10.69 15.84
CA VAL C 147 -15.43 -11.08 17.21
C VAL C 147 -14.30 -11.91 17.78
N GLU C 148 -13.86 -12.92 17.03
CA GLU C 148 -12.83 -13.80 17.56
C GLU C 148 -11.49 -13.10 17.65
N PHE C 149 -11.08 -12.38 16.59
CA PHE C 149 -9.81 -11.69 16.67
C PHE C 149 -9.77 -10.75 17.86
N PHE C 150 -10.89 -10.10 18.19
CA PHE C 150 -10.80 -9.07 19.21
C PHE C 150 -11.11 -9.56 20.61
N HIS C 151 -11.51 -10.82 20.74
CA HIS C 151 -11.93 -11.56 21.93
C HIS C 151 -11.76 -10.83 23.25
N VAL C 152 -12.73 -11.00 24.13
CA VAL C 152 -12.95 -10.10 25.25
C VAL C 152 -12.29 -10.73 26.49
N GLU C 153 -10.99 -10.49 26.55
CA GLU C 153 -10.11 -10.55 27.72
C GLU C 153 -10.22 -9.32 28.60
N ASP C 154 -11.02 -8.32 28.22
CA ASP C 154 -11.25 -7.18 29.09
C ASP C 154 -12.59 -7.26 29.81
N LEU C 155 -13.48 -8.12 29.31
CA LEU C 155 -14.90 -8.22 29.67
C LEU C 155 -15.54 -6.84 29.78
N ASP D 3 7.20 -24.63 25.83
CA ASP D 3 8.32 -25.33 25.20
C ASP D 3 7.84 -26.57 24.46
N GLU D 4 6.70 -27.12 24.89
CA GLU D 4 6.44 -28.52 24.60
C GLU D 4 5.65 -28.71 23.31
N LEU D 5 4.84 -27.72 22.92
CA LEU D 5 4.25 -27.73 21.58
C LEU D 5 5.29 -27.38 20.54
N TYR D 6 6.21 -26.48 20.90
CA TYR D 6 7.37 -26.24 20.04
C TYR D 6 8.17 -27.51 19.88
N ARG D 7 8.35 -28.26 20.95
CA ARG D 7 9.24 -29.41 20.86
C ARG D 7 8.59 -30.54 20.07
N GLN D 8 7.29 -30.79 20.29
CA GLN D 8 6.62 -31.84 19.54
C GLN D 8 6.52 -31.46 18.06
N SER D 9 6.19 -30.20 17.77
CA SER D 9 6.16 -29.73 16.39
C SER D 9 7.54 -29.82 15.75
N LEU D 10 8.59 -29.48 16.49
CA LEU D 10 9.95 -29.64 15.96
C LEU D 10 10.24 -31.10 15.66
N GLU D 11 9.72 -32.01 16.48
CA GLU D 11 9.94 -33.44 16.29
C GLU D 11 9.34 -33.92 14.97
N ILE D 12 8.07 -33.57 14.76
CA ILE D 12 7.37 -33.95 13.52
C ILE D 12 7.98 -33.26 12.30
N ILE D 13 8.16 -31.94 12.38
CA ILE D 13 8.59 -31.22 11.18
C ILE D 13 10.00 -31.63 10.78
N SER D 14 10.90 -31.75 11.75
CA SER D 14 12.24 -32.19 11.40
C SER D 14 12.22 -33.58 10.80
N ARG D 15 11.47 -34.51 11.40
CA ARG D 15 11.52 -35.85 10.82
C ARG D 15 10.92 -35.89 9.42
N TYR D 16 9.86 -35.13 9.17
CA TYR D 16 9.32 -35.14 7.81
C TYR D 16 10.32 -34.55 6.83
N LEU D 17 10.93 -33.44 7.20
CA LEU D 17 11.86 -32.78 6.29
C LEU D 17 13.08 -33.67 6.04
N ARG D 18 13.64 -34.24 7.11
CA ARG D 18 14.77 -35.16 6.96
C ARG D 18 14.40 -36.33 6.07
N GLU D 19 13.23 -36.93 6.32
CA GLU D 19 12.82 -38.11 5.58
C GLU D 19 12.60 -37.80 4.10
N GLN D 20 11.95 -36.67 3.80
CA GLN D 20 11.76 -36.30 2.41
C GLN D 20 13.08 -35.94 1.75
N ALA D 21 14.02 -35.38 2.52
CA ALA D 21 15.29 -34.94 1.96
C ALA D 21 16.24 -36.10 1.70
N THR D 22 16.29 -37.08 2.61
CA THR D 22 17.22 -38.21 2.59
C THR D 22 16.50 -39.49 2.23
N GLY D 23 17.17 -40.62 2.44
CA GLY D 23 16.63 -41.91 2.08
C GLY D 23 15.29 -42.18 2.74
N ALA D 24 15.27 -42.31 4.06
CA ALA D 24 14.04 -42.74 4.71
C ALA D 24 14.07 -42.39 6.20
N LYS D 25 13.31 -43.16 6.98
CA LYS D 25 12.85 -42.76 8.30
C LYS D 25 14.00 -42.76 9.31
N ASP D 26 13.68 -42.37 10.54
CA ASP D 26 14.63 -42.41 11.64
C ASP D 26 13.99 -43.11 12.84
N THR D 27 14.52 -44.28 13.17
CA THR D 27 14.09 -45.03 14.35
C THR D 27 15.23 -45.06 15.36
N MET D 30 7.71 -41.37 19.40
CA MET D 30 9.10 -41.71 19.73
C MET D 30 9.33 -41.80 21.25
N GLY D 31 8.99 -40.73 21.98
CA GLY D 31 8.73 -40.79 23.39
C GLY D 31 7.36 -40.19 23.70
N ARG D 32 7.06 -40.14 25.01
CA ARG D 32 5.89 -39.41 25.52
C ARG D 32 4.65 -39.76 24.71
N SER D 33 4.07 -38.76 24.06
CA SER D 33 2.90 -38.90 23.25
C SER D 33 3.35 -39.09 21.83
N GLY D 34 4.39 -39.91 21.65
CA GLY D 34 4.78 -40.41 20.36
C GLY D 34 3.66 -40.98 19.51
N ALA D 35 2.62 -41.57 20.10
CA ALA D 35 1.54 -42.11 19.27
C ALA D 35 0.92 -41.00 18.40
N THR D 36 0.60 -39.86 19.02
CA THR D 36 0.09 -38.70 18.27
C THR D 36 1.08 -38.25 17.21
N SER D 37 2.35 -38.07 17.57
CA SER D 37 3.34 -37.59 16.61
C SER D 37 3.62 -38.61 15.51
N ARG D 38 3.41 -39.91 15.81
CA ARG D 38 3.51 -40.95 14.79
C ARG D 38 2.44 -40.76 13.76
N LYS D 39 1.19 -40.75 14.22
CA LYS D 39 0.09 -40.63 13.28
C LYS D 39 0.15 -39.29 12.56
N ALA D 40 0.62 -38.24 13.25
CA ALA D 40 0.84 -36.95 12.60
C ALA D 40 1.88 -37.06 11.50
N LEU D 41 2.93 -37.85 11.73
CA LEU D 41 3.96 -37.96 10.71
C LEU D 41 3.45 -38.74 9.50
N GLU D 42 2.74 -39.86 9.72
CA GLU D 42 2.13 -40.56 8.60
C GLU D 42 1.15 -39.69 7.82
N THR D 43 0.32 -38.95 8.57
CA THR D 43 -0.63 -38.03 7.96
C THR D 43 0.14 -37.10 7.03
N LEU D 44 1.16 -36.44 7.58
CA LEU D 44 2.06 -35.61 6.79
C LEU D 44 2.60 -36.34 5.56
N ARG D 45 2.82 -37.66 5.65
CA ARG D 45 3.27 -38.38 4.47
C ARG D 45 2.21 -38.27 3.38
N ARG D 46 1.04 -38.84 3.63
CA ARG D 46 -0.04 -38.77 2.64
C ARG D 46 -0.28 -37.34 2.15
N VAL D 47 -0.54 -36.44 3.09
CA VAL D 47 -1.08 -35.12 2.78
C VAL D 47 0.00 -34.23 2.18
N GLY D 48 1.23 -34.29 2.70
CA GLY D 48 2.30 -33.48 2.17
C GLY D 48 2.84 -33.96 0.83
N ASP D 49 2.90 -35.28 0.64
CA ASP D 49 3.23 -35.77 -0.69
C ASP D 49 2.23 -35.25 -1.71
N GLY D 50 0.93 -35.30 -1.37
CA GLY D 50 -0.07 -34.75 -2.26
C GLY D 50 0.16 -33.27 -2.56
N VAL D 51 0.33 -32.46 -1.51
CA VAL D 51 0.52 -31.03 -1.77
C VAL D 51 1.76 -30.80 -2.63
N GLN D 52 2.86 -31.51 -2.38
CA GLN D 52 4.03 -31.20 -3.21
C GLN D 52 3.84 -31.64 -4.67
N ARG D 53 2.98 -32.63 -4.93
CA ARG D 53 2.74 -32.93 -6.34
C ARG D 53 1.88 -31.85 -6.97
N ASN D 54 1.00 -31.20 -6.19
CA ASN D 54 0.14 -30.16 -6.74
C ASN D 54 0.85 -28.81 -6.92
N HIS D 55 2.03 -28.61 -6.31
CA HIS D 55 2.56 -27.26 -6.21
C HIS D 55 3.98 -27.12 -6.74
N GLU D 56 4.41 -27.99 -7.64
CA GLU D 56 5.82 -27.99 -8.00
C GLU D 56 6.23 -26.69 -8.67
N THR D 57 5.40 -26.17 -9.59
CA THR D 57 5.74 -24.92 -10.28
C THR D 57 5.81 -23.74 -9.31
N ALA D 58 4.83 -23.62 -8.42
CA ALA D 58 4.85 -22.55 -7.42
C ALA D 58 6.03 -22.71 -6.44
N PHE D 59 6.20 -23.91 -5.89
CA PHE D 59 7.31 -24.18 -4.96
C PHE D 59 8.66 -23.89 -5.61
N GLN D 60 8.91 -24.52 -6.75
CA GLN D 60 10.11 -24.33 -7.56
C GLN D 60 10.39 -22.86 -7.84
N GLY D 61 9.41 -22.15 -8.40
CA GLY D 61 9.59 -20.74 -8.66
C GLY D 61 9.96 -19.95 -7.43
N MET D 62 9.37 -20.34 -6.29
CA MET D 62 9.63 -19.58 -5.07
C MET D 62 11.02 -19.87 -4.51
N LEU D 63 11.44 -21.14 -4.52
CA LEU D 63 12.77 -21.51 -4.05
C LEU D 63 13.86 -20.87 -4.88
N ARG D 64 13.72 -20.91 -6.21
CA ARG D 64 14.72 -20.24 -7.03
C ARG D 64 14.73 -18.75 -6.75
N LYS D 65 13.56 -18.14 -6.51
CA LYS D 65 13.58 -16.73 -6.13
C LYS D 65 14.33 -16.53 -4.82
N LEU D 66 14.18 -17.45 -3.87
CA LEU D 66 14.79 -17.32 -2.55
C LEU D 66 16.27 -17.61 -2.56
N ASP D 67 16.70 -18.55 -3.41
CA ASP D 67 18.10 -18.93 -3.57
C ASP D 67 18.80 -19.25 -2.24
N ILE D 68 18.52 -20.43 -1.70
CA ILE D 68 19.05 -20.85 -0.40
C ILE D 68 20.31 -21.67 -0.68
N LYS D 69 21.48 -21.15 -0.28
CA LYS D 69 22.73 -21.83 -0.58
C LYS D 69 23.51 -22.27 0.66
N ASN D 70 23.25 -21.68 1.82
CA ASN D 70 24.04 -21.95 3.03
C ASN D 70 23.14 -21.62 4.21
N GLU D 71 23.69 -21.77 5.43
CA GLU D 71 22.80 -21.66 6.59
C GLU D 71 22.41 -20.22 6.89
N ASP D 72 23.20 -19.23 6.47
CA ASP D 72 22.78 -17.83 6.66
C ASP D 72 21.51 -17.54 5.86
N ASP D 73 21.42 -18.10 4.65
CA ASP D 73 20.20 -17.98 3.85
C ASP D 73 19.04 -18.64 4.57
N VAL D 74 19.30 -19.75 5.25
CA VAL D 74 18.24 -20.38 5.99
C VAL D 74 17.80 -19.49 7.14
N LYS D 75 18.74 -18.82 7.80
CA LYS D 75 18.36 -17.95 8.91
C LYS D 75 17.62 -16.70 8.48
N SER D 76 17.75 -16.27 7.23
CA SER D 76 16.99 -15.09 6.85
C SER D 76 15.57 -15.38 6.35
N LEU D 77 15.17 -16.65 6.24
CA LEU D 77 13.89 -17.01 5.63
C LEU D 77 12.67 -16.67 6.49
N SER D 78 12.86 -16.42 7.77
CA SER D 78 11.72 -16.27 8.67
C SER D 78 10.78 -15.17 8.22
N ARG D 79 11.33 -13.98 7.94
CA ARG D 79 10.45 -12.85 7.65
C ARG D 79 9.51 -13.13 6.47
N VAL D 80 10.05 -13.66 5.38
CA VAL D 80 9.23 -13.99 4.21
C VAL D 80 8.23 -15.09 4.55
N MET D 81 8.64 -16.04 5.38
CA MET D 81 7.72 -17.11 5.75
C MET D 81 6.56 -16.58 6.56
N ILE D 82 6.83 -15.63 7.47
CA ILE D 82 5.78 -14.91 8.18
C ILE D 82 4.89 -14.18 7.19
N HIS D 83 5.50 -13.50 6.21
CA HIS D 83 4.72 -12.71 5.27
C HIS D 83 3.73 -13.59 4.53
N VAL D 84 4.17 -14.75 4.06
CA VAL D 84 3.21 -15.54 3.28
C VAL D 84 2.23 -16.29 4.20
N PHE D 85 2.68 -16.76 5.38
CA PHE D 85 1.88 -17.67 6.19
C PHE D 85 1.04 -17.04 7.31
N SER D 86 1.47 -15.94 7.90
CA SER D 86 0.79 -15.49 9.11
C SER D 86 -0.39 -14.56 8.86
N ASP D 87 -0.72 -14.25 7.61
CA ASP D 87 -1.83 -13.33 7.33
C ASP D 87 -2.97 -14.08 6.67
N GLY D 88 -4.18 -13.78 7.12
CA GLY D 88 -5.41 -14.44 6.71
C GLY D 88 -5.78 -15.48 7.76
N VAL D 89 -6.95 -16.11 7.56
CA VAL D 89 -7.37 -17.12 8.52
C VAL D 89 -6.40 -18.30 8.41
N THR D 90 -6.22 -19.01 9.53
CA THR D 90 -5.39 -20.21 9.57
C THR D 90 -6.25 -21.44 9.39
N ASN D 91 -5.78 -22.39 8.57
CA ASN D 91 -6.43 -23.68 8.45
C ASN D 91 -5.35 -24.75 8.28
N TRP D 92 -5.75 -26.01 8.51
CA TRP D 92 -4.78 -27.10 8.48
C TRP D 92 -4.13 -27.22 7.11
N GLY D 93 -4.85 -26.82 6.06
CA GLY D 93 -4.28 -26.80 4.72
C GLY D 93 -3.08 -25.88 4.61
N ARG D 94 -3.15 -24.69 5.25
CA ARG D 94 -2.02 -23.77 5.17
C ARG D 94 -0.83 -24.30 5.94
N ILE D 95 -1.10 -25.02 7.03
CA ILE D 95 -0.04 -25.62 7.81
C ILE D 95 0.62 -26.73 7.02
N VAL D 96 -0.18 -27.56 6.34
CA VAL D 96 0.37 -28.61 5.50
C VAL D 96 1.14 -28.01 4.33
N THR D 97 0.69 -26.87 3.82
CA THR D 97 1.44 -26.18 2.78
C THR D 97 2.76 -25.66 3.30
N LEU D 98 2.74 -24.96 4.44
CA LEU D 98 3.95 -24.47 5.12
C LEU D 98 5.00 -25.58 5.26
N ILE D 99 4.55 -26.71 5.82
CA ILE D 99 5.46 -27.80 6.12
C ILE D 99 5.91 -28.48 4.84
N SER D 100 5.00 -28.57 3.87
CA SER D 100 5.32 -29.21 2.59
C SER D 100 6.38 -28.42 1.85
N PHE D 101 6.22 -27.11 1.77
CA PHE D 101 7.28 -26.32 1.15
C PHE D 101 8.56 -26.42 1.96
N GLY D 102 8.42 -26.60 3.28
CA GLY D 102 9.57 -27.00 4.08
C GLY D 102 10.27 -28.21 3.49
N ALA D 103 9.52 -29.29 3.25
CA ALA D 103 10.12 -30.49 2.64
C ALA D 103 10.82 -30.16 1.33
N PHE D 104 10.13 -29.41 0.45
CA PHE D 104 10.69 -29.05 -0.84
C PHE D 104 12.06 -28.39 -0.68
N VAL D 105 12.14 -27.40 0.20
CA VAL D 105 13.42 -26.75 0.44
C VAL D 105 14.42 -27.77 0.97
N ALA D 106 13.98 -28.71 1.80
CA ALA D 106 14.92 -29.70 2.35
C ALA D 106 15.55 -30.52 1.23
N LYS D 107 14.73 -31.00 0.29
CA LYS D 107 15.27 -31.71 -0.87
C LYS D 107 16.30 -30.87 -1.59
N HIS D 108 15.98 -29.59 -1.84
CA HIS D 108 16.98 -28.73 -2.47
C HIS D 108 18.28 -28.73 -1.68
N LEU D 109 18.17 -28.57 -0.35
CA LEU D 109 19.35 -28.46 0.49
C LEU D 109 20.24 -29.69 0.40
N LYS D 110 19.65 -30.89 0.41
CA LYS D 110 20.50 -32.06 0.24
C LYS D 110 21.08 -32.11 -1.16
N THR D 111 20.32 -31.67 -2.15
CA THR D 111 20.87 -31.66 -3.50
C THR D 111 22.10 -30.76 -3.58
N ILE D 112 22.14 -29.66 -2.83
CA ILE D 112 23.25 -28.71 -2.92
C ILE D 112 24.33 -29.01 -1.89
N ASN D 113 24.35 -30.25 -1.36
CA ASN D 113 25.32 -30.69 -0.36
C ASN D 113 25.39 -29.72 0.83
N GLN D 114 24.21 -29.39 1.35
CA GLN D 114 24.10 -28.59 2.56
C GLN D 114 23.06 -29.22 3.49
N GLU D 115 23.19 -30.54 3.67
CA GLU D 115 22.34 -31.29 4.60
C GLU D 115 22.34 -30.64 5.98
N SER D 116 23.47 -30.08 6.38
CA SER D 116 23.58 -29.40 7.68
C SER D 116 22.47 -28.38 7.89
N CYS D 117 22.10 -27.60 6.86
CA CYS D 117 21.10 -26.55 7.03
C CYS D 117 19.69 -27.08 7.19
N ILE D 118 19.45 -28.40 7.14
CA ILE D 118 18.07 -28.88 7.21
C ILE D 118 17.45 -28.63 8.59
N GLU D 119 18.21 -28.85 9.69
CA GLU D 119 17.57 -28.85 11.01
C GLU D 119 17.21 -27.44 11.51
N PRO D 120 18.06 -26.42 11.30
CA PRO D 120 17.59 -25.05 11.56
C PRO D 120 16.41 -24.62 10.70
N LEU D 121 16.35 -25.09 9.44
CA LEU D 121 15.19 -24.80 8.61
C LEU D 121 13.94 -25.29 9.32
N ALA D 122 13.93 -26.57 9.68
CA ALA D 122 12.80 -27.10 10.44
C ALA D 122 12.57 -26.26 11.68
N GLU D 123 13.65 -25.91 12.39
CA GLU D 123 13.50 -25.13 13.60
C GLU D 123 12.81 -23.82 13.27
N SER D 124 13.33 -23.10 12.27
CA SER D 124 12.72 -21.85 11.86
C SER D 124 11.23 -22.04 11.63
N ILE D 125 10.89 -23.05 10.82
CA ILE D 125 9.49 -23.27 10.50
C ILE D 125 8.70 -23.45 11.78
N THR D 126 9.16 -24.34 12.66
CA THR D 126 8.41 -24.62 13.87
C THR D 126 8.31 -23.36 14.70
N ASP D 127 9.38 -22.56 14.72
CA ASP D 127 9.32 -21.32 15.48
C ASP D 127 8.23 -20.42 14.92
N VAL D 128 8.18 -20.29 13.60
CA VAL D 128 7.11 -19.54 13.00
C VAL D 128 5.78 -20.19 13.34
N LEU D 129 5.69 -21.51 13.13
CA LEU D 129 4.39 -22.16 13.18
C LEU D 129 3.77 -21.99 14.55
N VAL D 130 4.55 -22.22 15.60
CA VAL D 130 3.99 -22.14 16.95
C VAL D 130 3.78 -20.67 17.33
N ARG D 131 4.79 -19.84 17.11
CA ARG D 131 4.76 -18.52 17.72
C ARG D 131 3.63 -17.66 17.15
N THR D 132 3.33 -17.84 15.88
CA THR D 132 2.27 -17.09 15.22
C THR D 132 0.89 -17.73 15.38
N LYS D 133 0.80 -19.03 15.69
CA LYS D 133 -0.50 -19.70 15.68
C LYS D 133 -0.78 -20.47 16.96
N ARG D 134 -0.04 -20.17 18.03
CA ARG D 134 -0.09 -20.97 19.25
C ARG D 134 -1.52 -21.13 19.77
N ASP D 135 -2.18 -20.02 20.10
CA ASP D 135 -3.59 -20.10 20.50
C ASP D 135 -4.39 -20.95 19.53
N TRP D 136 -4.31 -20.64 18.23
CA TRP D 136 -5.09 -21.41 17.27
C TRP D 136 -4.75 -22.88 17.40
N LEU D 137 -3.45 -23.21 17.39
CA LEU D 137 -3.06 -24.60 17.47
C LEU D 137 -3.55 -25.25 18.77
N VAL D 138 -3.64 -24.48 19.84
CA VAL D 138 -4.11 -25.09 21.07
C VAL D 138 -5.59 -25.42 21.00
N LYS D 139 -6.39 -24.60 20.34
CA LYS D 139 -7.81 -24.95 20.40
C LYS D 139 -8.36 -25.63 19.16
N GLN D 140 -7.47 -26.08 18.29
CA GLN D 140 -7.79 -27.21 17.43
C GLN D 140 -7.18 -28.50 18.00
N ARG D 141 -6.97 -28.52 19.32
CA ARG D 141 -6.38 -29.64 20.07
C ARG D 141 -5.09 -30.13 19.41
N GLY D 142 -4.29 -29.18 18.95
CA GLY D 142 -2.94 -29.48 18.47
C GLY D 142 -2.89 -30.60 17.45
N TRP D 143 -1.83 -31.41 17.53
CA TRP D 143 -1.60 -32.47 16.55
C TRP D 143 -2.61 -33.60 16.63
N ASP D 144 -3.32 -33.76 17.75
CA ASP D 144 -4.45 -34.69 17.77
C ASP D 144 -5.54 -34.16 16.86
N GLY D 145 -5.80 -32.86 16.97
CA GLY D 145 -6.72 -32.23 16.04
C GLY D 145 -6.24 -32.33 14.61
N PHE D 146 -4.93 -32.26 14.39
CA PHE D 146 -4.41 -32.39 13.03
C PHE D 146 -4.63 -33.80 12.48
N VAL D 147 -4.26 -34.83 13.25
CA VAL D 147 -4.45 -36.21 12.79
C VAL D 147 -5.92 -36.46 12.50
N GLU D 148 -6.79 -35.95 13.37
CA GLU D 148 -8.23 -36.13 13.21
C GLU D 148 -8.72 -35.45 11.96
N PHE D 149 -8.30 -34.21 11.77
CA PHE D 149 -8.79 -33.42 10.64
C PHE D 149 -8.56 -34.13 9.32
N PHE D 150 -7.46 -34.87 9.20
CA PHE D 150 -7.06 -35.51 7.95
C PHE D 150 -7.41 -36.99 7.86
N HIS D 151 -8.02 -37.55 8.91
CA HIS D 151 -8.41 -38.96 8.92
C HIS D 151 -9.27 -39.34 7.71
N VAL D 152 -8.77 -40.28 6.91
CA VAL D 152 -9.52 -40.74 5.74
C VAL D 152 -10.69 -41.65 6.15
#